data_9Q1M
#
_entry.id   9Q1M
#
_cell.length_a   112.298
_cell.length_b   60.805
_cell.length_c   80.057
_cell.angle_alpha   90.000
_cell.angle_beta   111.530
_cell.angle_gamma   90.000
#
_symmetry.space_group_name_H-M   'C 1 2 1'
#
loop_
_entity.id
_entity.type
_entity.pdbx_description
1 polymer 'Transcriptional enhancer factor TEF-4'
2 non-polymer 1-{4-[3-(trifluoromethyl)anilino]-2H-isoindol-2-yl}propan-1-one
3 water water
#
_entity_poly.entity_id   1
_entity_poly.type   'polypeptide(L)'
_entity_poly.pdbx_seq_one_letter_code
;GHMAWQARGLGTARLQLVEFSAFVEPPDAVDSYQRHLFVHISQHCPSPGAPPLESVDVRQIYDKFPEKKGGLRELYDRGP
PHAFFLVKFWADLNWGPSGEEAGAGGSISSGGFYGVSSQYESLEHMTLTCSSKVCSFGKQVVEKVETERAQLEDGRFVYR
LLRSPMCEYLVNFLHKLRQLPERYMMNSVLENFTILQVVTNRDTQELLLCTAYVFEVSTSERGAQHHIYRLVRD
;
_entity_poly.pdbx_strand_id   B,A
#
# COMPACT_ATOMS: atom_id res chain seq x y z
N ALA A 7 -22.85 18.94 -1.00
CA ALA A 7 -21.68 19.07 -0.13
C ALA A 7 -20.97 20.40 -0.35
N ARG A 8 -20.35 20.92 0.70
CA ARG A 8 -19.59 22.16 0.62
C ARG A 8 -18.08 21.94 0.54
N GLY A 9 -17.61 20.70 0.66
CA GLY A 9 -16.19 20.43 0.64
C GLY A 9 -15.94 18.95 0.40
N LEU A 10 -14.66 18.61 0.28
CA LEU A 10 -14.24 17.23 0.08
C LEU A 10 -14.61 16.37 1.29
N GLY A 11 -15.53 15.43 1.09
CA GLY A 11 -15.92 14.55 2.17
C GLY A 11 -17.42 14.34 2.25
N THR A 12 -17.84 13.11 2.50
CA THR A 12 -19.20 12.86 2.93
C THR A 12 -19.43 13.36 4.35
N ALA A 13 -20.69 13.36 4.76
CA ALA A 13 -21.03 13.70 6.13
C ALA A 13 -20.87 12.54 7.09
N ARG A 14 -20.55 11.35 6.59
CA ARG A 14 -20.12 10.24 7.45
C ARG A 14 -18.62 10.23 7.67
N LEU A 15 -17.83 10.64 6.68
CA LEU A 15 -16.39 10.82 6.85
C LEU A 15 -15.94 12.03 6.05
N GLN A 16 -15.26 12.95 6.72
CA GLN A 16 -14.88 14.22 6.13
C GLN A 16 -13.36 14.37 6.17
N LEU A 17 -12.79 14.91 5.09
CA LEU A 17 -11.35 15.13 5.03
C LEU A 17 -11.02 16.45 5.69
N VAL A 18 -10.15 16.41 6.70
CA VAL A 18 -9.69 17.62 7.36
C VAL A 18 -8.53 18.24 6.59
N GLU A 19 -7.45 17.49 6.45
CA GLU A 19 -6.22 18.02 5.89
C GLU A 19 -5.56 16.97 5.01
N PHE A 20 -4.85 17.45 3.99
CA PHE A 20 -4.09 16.57 3.10
C PHE A 20 -2.99 17.40 2.48
N SER A 21 -1.74 16.94 2.60
CA SER A 21 -0.61 17.69 2.12
C SER A 21 0.52 16.72 1.77
N ALA A 22 1.18 16.98 0.65
CA ALA A 22 2.47 16.38 0.33
C ALA A 22 3.54 17.45 0.34
N PHE A 23 4.59 17.24 1.12
CA PHE A 23 5.53 18.30 1.47
C PHE A 23 6.95 17.76 1.38
N VAL A 24 7.91 18.66 1.52
CA VAL A 24 9.32 18.31 1.70
C VAL A 24 9.92 19.22 2.76
N GLU A 25 10.76 18.66 3.62
CA GLU A 25 11.54 19.44 4.57
C GLU A 25 13.02 19.35 4.21
N PRO A 26 13.69 20.47 3.98
CA PRO A 26 15.12 20.43 3.59
C PRO A 26 15.97 19.95 4.75
N PRO A 27 17.19 19.47 4.48
CA PRO A 27 18.01 18.89 5.57
C PRO A 27 18.31 19.87 6.69
N ASP A 28 18.33 21.17 6.41
CA ASP A 28 18.55 22.18 7.43
C ASP A 28 17.26 22.63 8.11
N ALA A 29 16.19 21.82 8.02
CA ALA A 29 14.99 22.08 8.82
C ALA A 29 15.23 21.82 10.30
N VAL A 30 16.22 20.99 10.66
CA VAL A 30 16.56 20.81 12.06
C VAL A 30 17.08 22.11 12.65
N ASP A 31 17.95 22.82 11.93
CA ASP A 31 18.46 24.10 12.41
C ASP A 31 17.36 25.14 12.49
N SER A 32 16.59 25.30 11.41
CA SER A 32 15.44 26.20 11.38
C SER A 32 14.36 25.58 10.52
N TYR A 33 13.17 25.39 11.08
CA TYR A 33 12.16 24.59 10.42
C TYR A 33 11.54 25.37 9.27
N GLN A 34 11.62 24.81 8.06
CA GLN A 34 10.77 25.20 6.96
C GLN A 34 10.28 23.95 6.25
N ARG A 35 9.12 24.06 5.61
CA ARG A 35 8.62 22.99 4.77
C ARG A 35 7.96 23.58 3.53
N HIS A 36 8.11 22.88 2.40
CA HIS A 36 7.57 23.29 1.12
C HIS A 36 6.43 22.36 0.74
N LEU A 37 5.30 22.95 0.35
CA LEU A 37 4.08 22.19 0.08
C LEU A 37 3.96 21.97 -1.42
N PHE A 38 4.08 20.71 -1.86
CA PHE A 38 3.76 20.37 -3.23
C PHE A 38 2.27 20.53 -3.51
N VAL A 39 1.42 19.94 -2.66
CA VAL A 39 -0.01 20.22 -2.64
C VAL A 39 -0.45 20.38 -1.19
N HIS A 40 -1.64 20.94 -1.02
CA HIS A 40 -2.20 21.15 0.32
C HIS A 40 -3.70 21.34 0.21
N ILE A 41 -4.45 20.59 1.01
CA ILE A 41 -5.87 20.84 1.25
C ILE A 41 -6.06 21.02 2.75
N SER A 42 -6.64 22.16 3.13
CA SER A 42 -6.97 22.43 4.53
C SER A 42 -8.45 22.79 4.61
N GLN A 43 -9.22 21.96 5.31
CA GLN A 43 -10.64 22.19 5.54
C GLN A 43 -10.94 22.29 7.02
N HIS A 44 -10.10 23.01 7.76
CA HIS A 44 -10.26 23.16 9.20
C HIS A 44 -9.70 24.50 9.67
N PRO A 51 -21.34 27.67 -0.06
CA PRO A 51 -21.12 27.44 -1.49
C PRO A 51 -20.90 25.96 -1.82
N PRO A 52 -21.90 25.31 -2.40
CA PRO A 52 -21.74 23.91 -2.81
C PRO A 52 -20.74 23.78 -3.95
N LEU A 53 -20.27 22.55 -4.15
CA LEU A 53 -19.20 22.27 -5.10
C LEU A 53 -19.77 22.06 -6.49
N GLU A 54 -18.94 22.34 -7.50
CA GLU A 54 -19.34 22.13 -8.88
C GLU A 54 -19.22 20.65 -9.26
N SER A 55 -19.76 20.32 -10.43
CA SER A 55 -20.03 18.95 -10.82
C SER A 55 -19.20 18.58 -12.03
N VAL A 56 -18.64 17.37 -12.02
CA VAL A 56 -17.95 16.80 -13.16
C VAL A 56 -18.47 15.39 -13.39
N ASP A 57 -18.75 15.05 -14.64
CA ASP A 57 -19.22 13.72 -14.98
C ASP A 57 -18.08 12.71 -14.84
N VAL A 58 -18.32 11.66 -14.04
CA VAL A 58 -17.29 10.64 -13.83
C VAL A 58 -17.01 9.85 -15.09
N ARG A 59 -17.95 9.81 -16.04
CA ARG A 59 -17.70 9.15 -17.31
C ARG A 59 -16.64 9.86 -18.13
N GLN A 60 -16.29 11.11 -17.80
CA GLN A 60 -15.33 11.87 -18.58
C GLN A 60 -13.89 11.68 -18.13
N ILE A 61 -13.67 10.97 -17.02
CA ILE A 61 -12.31 10.71 -16.55
C ILE A 61 -12.11 9.21 -16.36
N TYR A 62 -12.96 8.40 -17.02
CA TYR A 62 -12.83 6.96 -16.93
C TYR A 62 -11.49 6.48 -17.49
N ASP A 63 -11.05 7.09 -18.60
CA ASP A 63 -9.82 6.65 -19.25
C ASP A 63 -8.60 6.84 -18.35
N LYS A 64 -8.62 7.86 -17.49
CA LYS A 64 -7.47 8.17 -16.65
C LYS A 64 -7.23 7.14 -15.56
N PHE A 65 -8.17 6.24 -15.33
CA PHE A 65 -8.03 5.23 -14.27
C PHE A 65 -8.41 3.85 -14.78
N GLY A 71 -10.48 0.40 -9.87
CA GLY A 71 -11.20 0.82 -11.06
C GLY A 71 -12.32 1.80 -10.76
N LEU A 72 -12.27 2.97 -11.41
CA LEU A 72 -13.18 4.05 -11.06
C LEU A 72 -14.62 3.70 -11.42
N ARG A 73 -14.85 3.20 -12.63
CA ARG A 73 -16.18 2.78 -13.04
C ARG A 73 -16.69 1.63 -12.17
N GLU A 74 -15.81 0.68 -11.86
CA GLU A 74 -16.18 -0.42 -10.96
C GLU A 74 -16.55 0.11 -9.57
N LEU A 75 -15.79 1.08 -9.07
CA LEU A 75 -16.10 1.65 -7.75
C LEU A 75 -17.35 2.51 -7.80
N TYR A 76 -17.54 3.27 -8.88
CA TYR A 76 -18.67 4.19 -8.94
C TYR A 76 -20.00 3.42 -9.06
N ASP A 77 -20.04 2.39 -9.90
CA ASP A 77 -21.22 1.55 -9.97
C ASP A 77 -21.50 0.87 -8.63
N ARG A 78 -20.44 0.51 -7.92
CA ARG A 78 -20.60 -0.05 -6.57
C ARG A 78 -21.15 0.99 -5.60
N GLY A 79 -20.83 2.27 -5.81
CA GLY A 79 -21.47 3.34 -5.06
C GLY A 79 -20.80 3.60 -3.73
N PRO A 80 -21.36 4.52 -2.92
CA PRO A 80 -22.44 5.44 -3.29
C PRO A 80 -21.95 6.67 -4.06
N PRO A 81 -22.81 7.23 -4.92
CA PRO A 81 -22.35 8.30 -5.82
C PRO A 81 -21.78 9.51 -5.09
N HIS A 82 -22.37 9.89 -3.96
CA HIS A 82 -21.97 11.13 -3.30
C HIS A 82 -20.60 11.03 -2.64
N ALA A 83 -20.06 9.81 -2.50
CA ALA A 83 -18.75 9.63 -1.87
C ALA A 83 -17.59 9.96 -2.80
N PHE A 84 -17.85 10.25 -4.07
CA PHE A 84 -16.82 10.38 -5.08
C PHE A 84 -16.56 11.86 -5.36
N PHE A 85 -15.29 12.24 -5.36
CA PHE A 85 -14.89 13.62 -5.56
C PHE A 85 -13.72 13.67 -6.53
N LEU A 86 -13.59 14.79 -7.22
CA LEU A 86 -12.48 15.04 -8.14
C LEU A 86 -11.73 16.29 -7.68
N VAL A 87 -10.42 16.16 -7.50
CA VAL A 87 -9.56 17.27 -7.14
C VAL A 87 -8.50 17.41 -8.22
N LYS A 88 -8.35 18.62 -8.75
CA LYS A 88 -7.17 18.97 -9.52
C LYS A 88 -6.23 19.81 -8.68
N PHE A 89 -4.95 19.47 -8.71
CA PHE A 89 -3.90 20.23 -8.06
C PHE A 89 -3.14 21.05 -9.09
N TRP A 90 -2.81 22.29 -8.73
CA TRP A 90 -1.74 23.04 -9.37
C TRP A 90 -0.53 23.01 -8.45
N ALA A 91 0.34 22.02 -8.67
CA ALA A 91 1.39 21.72 -7.71
C ALA A 91 2.47 22.80 -7.73
N ASP A 92 3.06 23.06 -6.57
CA ASP A 92 4.26 23.87 -6.46
C ASP A 92 5.48 22.98 -6.62
N LEU A 93 6.21 23.16 -7.71
CA LEU A 93 7.38 22.34 -8.02
C LEU A 93 8.67 23.14 -8.00
N ASN A 94 8.69 24.27 -7.30
CA ASN A 94 9.89 25.08 -7.12
C ASN A 94 10.28 25.02 -5.65
N TRP A 95 11.43 24.40 -5.37
CA TRP A 95 11.96 24.34 -4.02
C TRP A 95 13.47 24.11 -4.02
N SER A 110 19.05 19.24 -2.38
CA SER A 110 18.17 18.07 -2.39
C SER A 110 18.58 17.07 -1.31
N GLY A 111 17.77 16.03 -1.15
CA GLY A 111 18.02 15.02 -0.15
C GLY A 111 17.32 15.20 1.18
N GLY A 112 16.28 16.03 1.24
CA GLY A 112 15.48 16.16 2.44
C GLY A 112 14.44 15.07 2.57
N PHE A 113 13.73 15.10 3.70
CA PHE A 113 12.62 14.19 3.90
C PHE A 113 11.42 14.59 3.05
N TYR A 114 10.78 13.60 2.44
CA TYR A 114 9.58 13.80 1.64
C TYR A 114 8.42 13.05 2.27
N GLY A 115 7.33 13.77 2.52
CA GLY A 115 6.27 13.27 3.39
C GLY A 115 4.91 13.54 2.80
N VAL A 116 3.96 12.68 3.16
CA VAL A 116 2.54 12.87 2.85
C VAL A 116 1.74 12.73 4.14
N SER A 117 0.79 13.64 4.35
CA SER A 117 -0.02 13.66 5.56
C SER A 117 -1.49 13.69 5.18
N SER A 118 -2.29 12.82 5.80
CA SER A 118 -3.73 12.80 5.63
C SER A 118 -4.41 12.78 6.99
N GLN A 119 -5.60 13.39 7.04
CA GLN A 119 -6.34 13.51 8.29
C GLN A 119 -7.82 13.57 7.98
N TYR A 120 -8.60 12.66 8.60
CA TYR A 120 -10.03 12.59 8.41
C TYR A 120 -10.74 12.73 9.75
N GLU A 121 -12.01 13.14 9.69
CA GLU A 121 -12.83 13.23 10.90
C GLU A 121 -14.20 12.62 10.63
N SER A 122 -14.80 12.08 11.69
CA SER A 122 -16.10 11.44 11.62
C SER A 122 -16.76 11.50 12.98
N LEU A 123 -18.07 11.28 12.99
CA LEU A 123 -18.82 11.12 14.24
C LEU A 123 -19.01 9.67 14.65
N GLU A 124 -18.76 8.72 13.74
CA GLU A 124 -18.71 7.31 14.10
C GLU A 124 -17.29 6.89 14.44
N HIS A 125 -17.17 5.87 15.29
CA HIS A 125 -15.90 5.20 15.55
C HIS A 125 -15.75 4.06 14.55
N MET A 126 -14.81 4.22 13.61
CA MET A 126 -14.54 3.21 12.59
C MET A 126 -13.05 2.90 12.56
N THR A 127 -12.71 1.82 11.87
CA THR A 127 -11.35 1.56 11.43
C THR A 127 -11.28 1.74 9.92
N LEU A 128 -10.36 2.59 9.47
CA LEU A 128 -10.30 3.01 8.07
C LEU A 128 -9.22 2.23 7.33
N THR A 129 -9.51 1.90 6.07
CA THR A 129 -8.49 1.44 5.12
C THR A 129 -8.39 2.47 4.00
N CYS A 130 -7.19 2.97 3.77
CA CYS A 130 -6.94 4.04 2.80
C CYS A 130 -5.99 3.51 1.74
N SER A 131 -6.54 3.12 0.58
CA SER A 131 -5.74 2.73 -0.56
C SER A 131 -5.41 3.95 -1.42
N SER A 132 -4.16 4.03 -1.87
CA SER A 132 -3.70 5.12 -2.73
C SER A 132 -2.99 4.53 -3.94
N LYS A 133 -3.68 4.51 -5.07
CA LYS A 133 -3.18 3.90 -6.30
C LYS A 133 -2.72 5.01 -7.23
N VAL A 134 -1.44 5.00 -7.58
CA VAL A 134 -0.86 5.99 -8.48
C VAL A 134 -0.70 5.36 -9.85
N CYS A 135 -1.32 5.97 -10.86
CA CYS A 135 -1.34 5.44 -12.21
C CYS A 135 -0.65 6.42 -13.14
N SER A 136 0.27 5.93 -13.95
CA SER A 136 0.84 6.68 -15.07
C SER A 136 0.31 6.10 -16.37
N PHE A 137 -0.31 6.96 -17.18
CA PHE A 137 -0.94 6.56 -18.45
C PHE A 137 -1.99 5.47 -18.23
N GLY A 138 -2.70 5.54 -17.11
CA GLY A 138 -3.71 4.55 -16.78
C GLY A 138 -3.19 3.26 -16.20
N LYS A 139 -1.87 3.12 -16.07
CA LYS A 139 -1.26 1.89 -15.57
C LYS A 139 -0.84 2.09 -14.12
N GLN A 140 -1.37 1.27 -13.22
CA GLN A 140 -1.09 1.41 -11.80
C GLN A 140 0.40 1.18 -11.51
N VAL A 141 1.09 2.24 -11.11
CA VAL A 141 2.52 2.16 -10.88
C VAL A 141 2.83 1.82 -9.43
N VAL A 142 2.27 2.57 -8.49
CA VAL A 142 2.44 2.29 -7.07
C VAL A 142 1.06 2.27 -6.42
N GLU A 143 0.86 1.31 -5.51
CA GLU A 143 -0.33 1.24 -4.66
C GLU A 143 0.11 1.22 -3.20
N LYS A 144 -0.64 1.94 -2.35
CA LYS A 144 -0.34 2.01 -0.93
C LYS A 144 -1.64 1.79 -0.17
N VAL A 145 -1.65 0.81 0.72
CA VAL A 145 -2.79 0.53 1.58
C VAL A 145 -2.37 0.74 3.03
N GLU A 146 -3.17 1.51 3.77
CA GLU A 146 -2.88 1.83 5.15
C GLU A 146 -4.12 1.65 6.01
N THR A 147 -3.90 1.37 7.29
CA THR A 147 -4.98 1.18 8.25
C THR A 147 -4.76 2.10 9.45
N GLU A 148 -5.84 2.74 9.90
CA GLU A 148 -5.77 3.70 11.00
C GLU A 148 -7.11 3.70 11.72
N ARG A 149 -7.08 3.47 13.03
CA ARG A 149 -8.27 3.36 13.84
C ARG A 149 -8.56 4.70 14.52
N ALA A 150 -9.80 4.84 14.99
CA ALA A 150 -10.32 6.14 15.36
C ALA A 150 -9.68 6.65 16.65
N GLN A 151 -9.92 7.92 16.95
CA GLN A 151 -9.47 8.50 18.21
C GLN A 151 -10.45 9.58 18.64
N LEU A 152 -10.89 9.52 19.89
CA LEU A 152 -11.86 10.47 20.42
C LEU A 152 -11.16 11.79 20.76
N GLU A 153 -11.59 12.87 20.11
CA GLU A 153 -10.98 14.19 20.31
C GLU A 153 -12.06 15.24 20.17
N ASP A 154 -12.60 15.70 21.31
CA ASP A 154 -13.48 16.87 21.38
C ASP A 154 -14.74 16.69 20.52
N GLY A 155 -15.53 15.68 20.89
CA GLY A 155 -16.76 15.40 20.17
C GLY A 155 -16.58 14.96 18.75
N ARG A 156 -15.35 14.61 18.34
CA ARG A 156 -15.06 14.19 16.97
C ARG A 156 -14.14 12.99 17.02
N PHE A 157 -14.20 12.17 15.97
CA PHE A 157 -13.31 11.02 15.83
C PHE A 157 -12.28 11.34 14.74
N VAL A 158 -11.01 11.45 15.14
CA VAL A 158 -9.96 11.94 14.27
C VAL A 158 -9.11 10.76 13.83
N TYR A 159 -8.82 10.69 12.53
CA TYR A 159 -7.98 9.64 11.96
C TYR A 159 -6.72 10.28 11.41
N ARG A 160 -5.56 9.82 11.89
CA ARG A 160 -4.29 10.50 11.65
C ARG A 160 -3.36 9.56 10.89
N LEU A 161 -2.92 10.00 9.72
CA LEU A 161 -1.93 9.29 8.92
C LEU A 161 -0.77 10.22 8.57
N LEU A 162 -0.26 10.92 9.58
CA LEU A 162 0.61 12.07 9.35
C LEU A 162 2.02 11.60 8.99
N ARG A 163 2.69 12.41 8.16
CA ARG A 163 4.14 12.29 7.95
C ARG A 163 4.53 10.90 7.44
N SER A 164 3.67 10.34 6.58
CA SER A 164 4.02 9.09 5.91
C SER A 164 5.05 9.36 4.83
N PRO A 165 6.18 8.67 4.83
CA PRO A 165 7.22 8.93 3.82
C PRO A 165 6.69 8.67 2.42
N MET A 166 7.06 9.56 1.50
CA MET A 166 6.58 9.45 0.13
C MET A 166 7.29 8.29 -0.58
N CYS A 167 6.59 7.71 -1.56
CA CYS A 167 7.19 6.66 -2.37
C CYS A 167 8.45 7.17 -3.07
N GLU A 168 9.47 6.32 -3.10
CA GLU A 168 10.72 6.69 -3.76
C GLU A 168 10.50 6.93 -5.25
N TYR A 169 9.58 6.21 -5.88
CA TYR A 169 9.20 6.52 -7.25
C TYR A 169 8.66 7.94 -7.36
N LEU A 170 7.80 8.34 -6.41
CA LEU A 170 7.21 9.66 -6.48
C LEU A 170 8.23 10.76 -6.19
N VAL A 171 9.20 10.49 -5.32
CA VAL A 171 10.29 11.44 -5.10
C VAL A 171 11.11 11.60 -6.38
N ASN A 172 11.41 10.49 -7.06
CA ASN A 172 12.13 10.58 -8.33
C ASN A 172 11.28 11.27 -9.40
N PHE A 173 10.00 10.92 -9.49
CA PHE A 173 9.12 11.55 -10.48
C PHE A 173 8.98 13.04 -10.22
N LEU A 174 8.79 13.42 -8.95
CA LEU A 174 8.79 14.83 -8.59
C LEU A 174 10.12 15.49 -8.92
N HIS A 175 11.22 14.81 -8.61
CA HIS A 175 12.53 15.32 -9.03
C HIS A 175 12.63 15.42 -10.54
N LYS A 176 12.28 14.34 -11.26
CA LYS A 176 12.43 14.35 -12.71
C LYS A 176 11.54 15.40 -13.35
N LEU A 177 10.32 15.58 -12.82
CA LEU A 177 9.43 16.62 -13.32
C LEU A 177 9.96 18.02 -13.07
N ARG A 178 10.92 18.17 -12.15
CA ARG A 178 11.29 19.48 -11.65
C ARG A 178 12.17 20.25 -12.65
N GLN A 179 13.05 19.55 -13.38
CA GLN A 179 13.93 20.17 -14.35
C GLN A 179 13.46 19.96 -15.78
N LEU A 180 12.16 19.76 -16.00
CA LEU A 180 11.61 19.93 -17.33
C LEU A 180 11.76 21.38 -17.77
N PRO A 181 12.29 21.64 -18.97
CA PRO A 181 12.68 23.01 -19.33
C PRO A 181 11.50 23.96 -19.49
N GLU A 182 10.27 23.46 -19.59
CA GLU A 182 9.10 24.28 -19.85
C GLU A 182 7.96 23.87 -18.94
N ARG A 183 7.12 24.85 -18.60
CA ARG A 183 5.93 24.55 -17.80
C ARG A 183 4.95 23.68 -18.57
N TYR A 184 4.83 23.91 -19.89
CA TYR A 184 3.85 23.15 -20.67
C TYR A 184 4.29 21.69 -20.85
N MET A 185 5.59 21.43 -20.85
CA MET A 185 6.07 20.05 -20.81
C MET A 185 5.73 19.38 -19.49
N MET A 186 5.83 20.11 -18.38
CA MET A 186 5.38 19.57 -17.10
C MET A 186 3.90 19.24 -17.14
N ASN A 187 3.08 20.16 -17.67
CA ASN A 187 1.65 19.89 -17.79
C ASN A 187 1.38 18.75 -18.76
N SER A 188 2.21 18.62 -19.81
CA SER A 188 2.04 17.51 -20.74
C SER A 188 2.28 16.16 -20.06
N VAL A 189 3.34 16.07 -19.25
CA VAL A 189 3.62 14.82 -18.55
C VAL A 189 2.56 14.54 -17.49
N LEU A 190 2.16 15.57 -16.75
CA LEU A 190 1.17 15.40 -15.69
C LEU A 190 -0.22 15.09 -16.23
N GLU A 191 -0.44 15.26 -17.54
CA GLU A 191 -1.72 14.89 -18.14
C GLU A 191 -1.98 13.39 -18.06
N ASN A 192 -0.95 12.57 -17.86
CA ASN A 192 -1.10 11.13 -17.78
C ASN A 192 -0.88 10.60 -16.36
N PHE A 193 -0.71 11.48 -15.38
CA PHE A 193 -0.37 11.11 -14.01
C PHE A 193 -1.58 11.36 -13.13
N THR A 194 -2.13 10.30 -12.54
CA THR A 194 -3.33 10.39 -11.74
C THR A 194 -3.16 9.56 -10.47
N ILE A 195 -3.92 9.93 -9.44
CA ILE A 195 -3.95 9.22 -8.17
C ILE A 195 -5.41 8.95 -7.80
N LEU A 196 -5.70 7.72 -7.40
CA LEU A 196 -7.03 7.33 -6.96
C LEU A 196 -6.97 7.02 -5.47
N GLN A 197 -7.71 7.80 -4.67
CA GLN A 197 -7.81 7.62 -3.23
C GLN A 197 -9.09 6.85 -2.92
N VAL A 198 -8.96 5.72 -2.23
CA VAL A 198 -10.09 4.92 -1.80
C VAL A 198 -10.01 4.73 -0.30
N VAL A 199 -10.99 5.25 0.43
CA VAL A 199 -11.10 5.09 1.88
C VAL A 199 -12.34 4.26 2.17
N THR A 200 -12.16 3.14 2.86
CA THR A 200 -13.23 2.22 3.18
C THR A 200 -13.23 1.91 4.66
N ASN A 201 -14.41 1.69 5.22
CA ASN A 201 -14.55 1.10 6.54
C ASN A 201 -14.01 -0.33 6.50
N ARG A 202 -12.92 -0.58 7.22
CA ARG A 202 -12.26 -1.89 7.16
C ARG A 202 -13.19 -2.99 7.67
N ASP A 203 -13.95 -2.72 8.72
CA ASP A 203 -14.77 -3.76 9.33
C ASP A 203 -15.92 -4.16 8.42
N THR A 204 -16.62 -3.18 7.85
CA THR A 204 -17.80 -3.46 7.03
C THR A 204 -17.49 -3.52 5.54
N GLN A 205 -16.25 -3.23 5.14
CA GLN A 205 -15.79 -3.27 3.76
C GLN A 205 -16.45 -2.22 2.87
N GLU A 206 -17.34 -1.39 3.41
CA GLU A 206 -18.10 -0.46 2.58
C GLU A 206 -17.27 0.78 2.28
N LEU A 207 -17.56 1.40 1.14
CA LEU A 207 -16.82 2.58 0.71
C LEU A 207 -17.32 3.82 1.45
N LEU A 208 -16.37 4.64 1.90
CA LEU A 208 -16.66 5.87 2.62
C LEU A 208 -16.33 7.13 1.85
N LEU A 209 -15.20 7.13 1.14
CA LEU A 209 -14.72 8.32 0.46
C LEU A 209 -13.84 7.88 -0.70
N CYS A 210 -14.02 8.52 -1.86
CA CYS A 210 -13.21 8.24 -3.03
C CYS A 210 -12.86 9.55 -3.72
N THR A 211 -11.56 9.80 -3.89
CA THR A 211 -11.08 11.05 -4.47
C THR A 211 -10.15 10.73 -5.64
N ALA A 212 -10.37 11.40 -6.76
CA ALA A 212 -9.52 11.28 -7.94
C ALA A 212 -8.71 12.56 -8.10
N TYR A 213 -7.40 12.40 -8.28
CA TYR A 213 -6.47 13.52 -8.33
C TYR A 213 -5.92 13.66 -9.74
N VAL A 214 -6.07 14.86 -10.31
CA VAL A 214 -5.53 15.20 -11.62
C VAL A 214 -4.61 16.41 -11.45
N PHE A 215 -3.49 16.40 -12.16
CA PHE A 215 -2.37 17.26 -11.81
C PHE A 215 -2.03 18.18 -12.97
N GLU A 216 -1.98 19.48 -12.69
CA GLU A 216 -1.18 20.45 -13.41
C GLU A 216 -0.12 21.02 -12.46
N VAL A 217 0.72 21.91 -13.00
CA VAL A 217 1.76 22.57 -12.22
C VAL A 217 1.44 24.05 -12.14
N SER A 218 1.53 24.59 -10.92
CA SER A 218 1.35 26.01 -10.70
C SER A 218 2.61 26.78 -11.12
N THR A 219 2.46 28.08 -11.32
CA THR A 219 3.59 28.93 -11.62
C THR A 219 4.48 29.09 -10.39
N SER A 220 5.66 29.68 -10.60
CA SER A 220 6.58 29.92 -9.51
C SER A 220 5.98 30.87 -8.47
N GLU A 221 5.31 31.93 -8.94
CA GLU A 221 4.84 32.97 -8.02
C GLU A 221 3.65 32.48 -7.19
N ARG A 222 2.78 31.66 -7.79
CA ARG A 222 1.67 31.07 -7.05
C ARG A 222 2.14 29.82 -6.30
N GLY A 223 1.51 29.58 -5.15
CA GLY A 223 1.74 28.37 -4.40
C GLY A 223 0.96 27.19 -4.97
N ALA A 224 0.98 26.09 -4.21
CA ALA A 224 0.11 24.97 -4.48
C ALA A 224 -1.35 25.39 -4.37
N GLN A 225 -2.18 24.86 -5.26
CA GLN A 225 -3.61 25.15 -5.26
C GLN A 225 -4.38 23.88 -5.58
N HIS A 226 -5.66 23.87 -5.20
CA HIS A 226 -6.56 22.78 -5.51
C HIS A 226 -7.92 23.34 -5.89
N HIS A 227 -8.63 22.60 -6.73
CA HIS A 227 -10.07 22.75 -6.88
C HIS A 227 -10.74 21.41 -6.66
N ILE A 228 -11.85 21.43 -5.93
CA ILE A 228 -12.54 20.21 -5.51
C ILE A 228 -13.86 20.14 -6.26
N TYR A 229 -13.98 19.17 -7.16
CA TYR A 229 -15.24 18.87 -7.83
C TYR A 229 -15.90 17.66 -7.20
N ARG A 230 -17.15 17.42 -7.59
CA ARG A 230 -17.91 16.25 -7.16
C ARG A 230 -18.27 15.42 -8.39
N LEU A 231 -18.02 14.12 -8.31
CA LEU A 231 -18.25 13.22 -9.43
C LEU A 231 -19.70 12.75 -9.45
N VAL A 232 -20.35 12.93 -10.59
CA VAL A 232 -21.77 12.65 -10.74
C VAL A 232 -21.97 11.76 -11.96
N ARG A 233 -23.05 10.96 -11.91
CA ARG A 233 -23.43 10.08 -13.01
C ARG A 233 -22.32 9.11 -13.40
N GLY B 9 10.28 -23.66 12.91
CA GLY B 9 10.18 -23.40 11.49
C GLY B 9 10.34 -21.93 11.15
N LEU B 10 9.28 -21.34 10.60
CA LEU B 10 9.30 -19.95 10.16
C LEU B 10 8.98 -19.06 11.35
N GLY B 11 10.02 -18.62 12.04
CA GLY B 11 9.85 -17.67 13.13
C GLY B 11 11.09 -17.59 13.99
N THR B 12 11.01 -16.74 14.99
CA THR B 12 12.07 -16.55 15.99
C THR B 12 11.55 -16.93 17.37
N ALA B 13 12.37 -16.70 18.39
CA ALA B 13 11.92 -16.87 19.77
C ALA B 13 10.81 -15.89 20.13
N ARG B 14 10.85 -14.68 19.58
CA ARG B 14 9.84 -13.68 19.90
C ARG B 14 8.52 -13.94 19.18
N LEU B 15 8.59 -14.43 17.95
CA LEU B 15 7.41 -14.50 17.09
C LEU B 15 7.51 -15.73 16.20
N GLN B 16 6.38 -16.39 15.97
CA GLN B 16 6.28 -17.53 15.07
C GLN B 16 5.04 -17.38 14.21
N LEU B 17 5.16 -17.76 12.95
CA LEU B 17 4.02 -17.88 12.04
C LEU B 17 3.44 -19.28 12.16
N VAL B 18 2.15 -19.37 12.49
CA VAL B 18 1.49 -20.66 12.68
C VAL B 18 0.72 -21.05 11.43
N GLU B 19 0.24 -20.06 10.68
CA GLU B 19 -0.57 -20.33 9.50
C GLU B 19 -0.57 -19.13 8.58
N PHE B 20 -0.26 -19.36 7.30
CA PHE B 20 -0.36 -18.34 6.27
C PHE B 20 -1.04 -18.94 5.04
N SER B 21 -1.89 -18.13 4.40
CA SER B 21 -2.58 -18.56 3.19
C SER B 21 -3.00 -17.32 2.40
N ALA B 22 -3.18 -17.51 1.09
CA ALA B 22 -3.90 -16.56 0.25
C ALA B 22 -4.85 -17.32 -0.67
N PHE B 23 -6.06 -16.79 -0.84
CA PHE B 23 -7.19 -17.60 -1.27
C PHE B 23 -8.17 -16.76 -2.08
N VAL B 24 -9.06 -17.46 -2.78
CA VAL B 24 -10.21 -16.85 -3.42
C VAL B 24 -11.45 -17.66 -3.04
N GLU B 25 -12.48 -16.97 -2.60
CA GLU B 25 -13.73 -17.59 -2.19
C GLU B 25 -14.86 -16.69 -2.67
N PRO B 26 -16.08 -17.23 -2.81
CA PRO B 26 -17.19 -16.45 -3.36
C PRO B 26 -17.74 -15.38 -2.40
N GLN B 34 -16.55 -22.67 0.34
CA GLN B 34 -15.22 -23.25 0.21
C GLN B 34 -14.33 -22.37 -0.68
N ARG B 35 -13.04 -22.33 -0.35
CA ARG B 35 -12.09 -21.43 -0.99
C ARG B 35 -11.04 -22.22 -1.74
N HIS B 36 -10.33 -21.53 -2.63
CA HIS B 36 -9.19 -22.11 -3.33
C HIS B 36 -7.91 -21.45 -2.86
N LEU B 37 -6.95 -22.27 -2.46
CA LEU B 37 -5.71 -21.79 -1.84
C LEU B 37 -4.65 -21.66 -2.93
N PHE B 38 -4.25 -20.42 -3.24
CA PHE B 38 -3.06 -20.23 -4.06
C PHE B 38 -1.81 -20.76 -3.37
N VAL B 39 -1.58 -20.33 -2.13
CA VAL B 39 -0.51 -20.84 -1.29
C VAL B 39 -1.06 -21.14 0.10
N HIS B 40 -0.30 -21.94 0.85
CA HIS B 40 -0.65 -22.24 2.23
C HIS B 40 0.60 -22.67 2.97
N ILE B 41 0.83 -22.07 4.15
CA ILE B 41 1.75 -22.60 5.14
C ILE B 41 0.96 -22.89 6.41
N SER B 42 1.11 -24.11 6.92
CA SER B 42 0.52 -24.51 8.20
C SER B 42 1.61 -25.03 9.13
N GLN B 43 1.67 -24.47 10.33
CA GLN B 43 2.67 -24.84 11.33
C GLN B 43 2.02 -25.03 12.70
N HIS B 44 0.90 -25.76 12.72
CA HIS B 44 0.22 -26.07 13.96
C HIS B 44 0.74 -27.36 14.58
N PRO B 52 14.43 -29.19 10.75
CA PRO B 52 15.67 -28.62 10.20
C PRO B 52 15.44 -27.86 8.89
N LEU B 53 15.67 -26.55 8.92
CA LEU B 53 15.46 -25.70 7.76
C LEU B 53 16.78 -25.44 7.06
N GLU B 54 16.77 -25.52 5.73
CA GLU B 54 17.98 -25.33 4.94
C GLU B 54 18.33 -23.85 4.85
N SER B 55 19.54 -23.59 4.38
CA SER B 55 20.11 -22.25 4.38
C SER B 55 20.18 -21.71 2.95
N VAL B 56 19.91 -20.41 2.80
CA VAL B 56 20.10 -19.71 1.54
C VAL B 56 20.82 -18.40 1.83
N ASP B 57 21.86 -18.10 1.05
CA ASP B 57 22.55 -16.83 1.17
C ASP B 57 21.68 -15.68 0.66
N VAL B 58 21.67 -14.59 1.41
CA VAL B 58 20.70 -13.52 1.15
C VAL B 58 21.12 -12.68 -0.06
N ARG B 59 22.42 -12.49 -0.27
CA ARG B 59 22.86 -11.58 -1.32
C ARG B 59 22.72 -12.19 -2.71
N GLN B 60 22.33 -13.47 -2.80
CA GLN B 60 21.89 -14.03 -4.08
C GLN B 60 20.60 -13.42 -4.59
N ILE B 61 19.77 -12.86 -3.70
CA ILE B 61 18.47 -12.35 -4.11
C ILE B 61 18.36 -10.88 -3.73
N TYR B 62 19.50 -10.20 -3.66
CA TYR B 62 19.49 -8.74 -3.54
C TYR B 62 18.83 -8.08 -4.73
N ASP B 63 19.09 -8.60 -5.94
CA ASP B 63 18.63 -7.95 -7.16
C ASP B 63 17.13 -8.09 -7.36
N LYS B 64 16.48 -9.02 -6.66
CA LYS B 64 15.06 -9.28 -6.83
C LYS B 64 14.19 -8.42 -5.93
N PHE B 65 14.79 -7.53 -5.14
CA PHE B 65 14.08 -6.71 -4.18
C PHE B 65 14.63 -5.29 -4.26
N PRO B 66 13.85 -4.30 -3.82
CA PRO B 66 14.32 -2.91 -3.92
C PRO B 66 15.60 -2.69 -3.14
N GLU B 67 16.41 -1.75 -3.62
CA GLU B 67 17.75 -1.52 -3.10
C GLU B 67 17.87 -0.25 -2.28
N LYS B 68 17.15 0.81 -2.63
CA LYS B 68 17.39 2.13 -2.06
C LYS B 68 17.11 2.13 -0.56
N LYS B 69 15.85 1.88 -0.18
CA LYS B 69 15.45 1.91 1.22
C LYS B 69 14.26 0.99 1.42
N GLY B 70 14.15 0.44 2.63
CA GLY B 70 13.26 -0.68 2.86
C GLY B 70 13.62 -1.94 2.11
N GLY B 71 14.89 -2.10 1.73
CA GLY B 71 15.30 -3.20 0.91
C GLY B 71 15.93 -4.32 1.71
N LEU B 72 16.06 -5.49 1.07
CA LEU B 72 16.55 -6.67 1.78
C LEU B 72 17.98 -6.47 2.26
N ARG B 73 18.82 -5.82 1.45
CA ARG B 73 20.16 -5.46 1.91
C ARG B 73 20.11 -4.50 3.09
N GLU B 74 19.26 -3.48 3.00
CA GLU B 74 19.21 -2.46 4.06
C GLU B 74 18.77 -3.06 5.39
N LEU B 75 17.76 -3.92 5.36
CA LEU B 75 17.22 -4.47 6.61
C LEU B 75 18.18 -5.48 7.22
N TYR B 76 18.84 -6.27 6.38
CA TYR B 76 19.79 -7.26 6.88
C TYR B 76 20.98 -6.62 7.57
N ASP B 77 21.44 -5.48 7.04
CA ASP B 77 22.55 -4.77 7.68
C ASP B 77 22.18 -4.32 9.10
N ARG B 78 20.96 -3.81 9.27
CA ARG B 78 20.48 -3.48 10.61
C ARG B 78 20.35 -4.73 11.47
N GLY B 79 19.91 -5.83 10.89
CA GLY B 79 19.72 -7.06 11.63
C GLY B 79 18.37 -7.13 12.32
N PRO B 80 18.16 -8.16 13.15
CA PRO B 80 19.10 -9.27 13.34
C PRO B 80 19.03 -10.31 12.21
N PRO B 81 20.20 -10.87 11.85
CA PRO B 81 20.22 -11.83 10.73
C PRO B 81 19.29 -13.01 10.93
N HIS B 82 19.14 -13.49 12.17
CA HIS B 82 18.37 -14.70 12.42
C HIS B 82 16.87 -14.52 12.20
N ALA B 83 16.40 -13.28 12.07
CA ALA B 83 14.99 -13.02 11.84
C ALA B 83 14.59 -13.09 10.37
N PHE B 84 15.56 -13.18 9.45
CA PHE B 84 15.30 -13.07 8.02
C PHE B 84 15.20 -14.48 7.43
N PHE B 85 14.06 -14.79 6.82
CA PHE B 85 13.80 -16.11 6.27
C PHE B 85 13.28 -15.97 4.85
N LEU B 86 13.44 -17.04 4.08
CA LEU B 86 13.00 -17.10 2.68
C LEU B 86 11.94 -18.19 2.53
N VAL B 87 10.86 -17.85 1.82
CA VAL B 87 9.86 -18.83 1.40
C VAL B 87 9.79 -18.80 -0.12
N LYS B 88 10.06 -19.93 -0.75
CA LYS B 88 9.78 -20.14 -2.17
C LYS B 88 8.44 -20.86 -2.32
N PHE B 89 7.59 -20.34 -3.19
CA PHE B 89 6.22 -20.81 -3.33
C PHE B 89 6.03 -21.43 -4.70
N TRP B 90 5.31 -22.55 -4.74
CA TRP B 90 4.78 -23.11 -5.98
C TRP B 90 3.25 -23.03 -5.91
N ALA B 91 2.72 -21.90 -6.36
CA ALA B 91 1.30 -21.60 -6.15
C ALA B 91 0.43 -22.38 -7.13
N ASP B 92 -0.78 -22.69 -6.68
CA ASP B 92 -1.79 -23.30 -7.53
C ASP B 92 -2.68 -22.22 -8.14
N LEU B 93 -2.78 -22.23 -9.47
CA LEU B 93 -3.35 -21.11 -10.21
C LEU B 93 -4.50 -21.53 -11.11
N ASN B 94 -5.10 -22.69 -10.87
CA ASN B 94 -6.29 -23.12 -11.59
C ASN B 94 -7.45 -23.30 -10.62
N TRP B 95 -8.62 -22.83 -11.05
CA TRP B 95 -9.85 -22.95 -10.25
C TRP B 95 -11.07 -22.54 -11.07
N GLY B 111 -14.19 -13.93 -10.51
CA GLY B 111 -14.80 -12.76 -9.89
C GLY B 111 -15.37 -13.03 -8.52
N GLY B 112 -14.49 -13.20 -7.54
CA GLY B 112 -14.91 -13.43 -6.16
C GLY B 112 -14.14 -12.60 -5.16
N PHE B 113 -13.99 -13.12 -3.94
CA PHE B 113 -13.24 -12.45 -2.88
C PHE B 113 -11.84 -13.06 -2.84
N TYR B 114 -10.83 -12.25 -3.14
CA TYR B 114 -9.44 -12.65 -3.00
C TYR B 114 -8.91 -12.13 -1.67
N GLY B 115 -8.39 -13.04 -0.85
CA GLY B 115 -8.11 -12.72 0.54
C GLY B 115 -6.78 -13.30 0.97
N VAL B 116 -6.21 -12.68 2.00
CA VAL B 116 -4.97 -13.14 2.62
C VAL B 116 -5.20 -13.31 4.11
N SER B 117 -4.81 -14.47 4.65
CA SER B 117 -4.94 -14.77 6.06
C SER B 117 -3.56 -15.17 6.60
N SER B 118 -3.02 -14.35 7.50
CA SER B 118 -1.76 -14.63 8.17
C SER B 118 -1.95 -14.62 9.67
N GLN B 119 -1.33 -15.57 10.36
CA GLN B 119 -1.55 -15.78 11.78
C GLN B 119 -0.21 -16.01 12.46
N TYR B 120 -0.03 -15.39 13.63
CA TYR B 120 1.24 -15.36 14.33
C TYR B 120 1.03 -15.73 15.79
N GLU B 121 2.14 -15.88 16.50
CA GLU B 121 2.17 -16.51 17.81
C GLU B 121 3.30 -15.91 18.63
N SER B 122 3.04 -15.69 19.92
CA SER B 122 4.08 -15.19 20.81
C SER B 122 3.73 -15.55 22.25
N LEU B 123 4.73 -15.47 23.12
CA LEU B 123 4.51 -15.45 24.55
C LEU B 123 4.54 -14.06 25.16
N GLU B 124 5.19 -13.10 24.50
CA GLU B 124 5.04 -11.70 24.87
C GLU B 124 3.70 -11.16 24.38
N HIS B 125 3.19 -10.15 25.09
CA HIS B 125 2.03 -9.37 24.65
C HIS B 125 2.52 -8.15 23.88
N MET B 126 2.34 -8.17 22.56
CA MET B 126 2.84 -7.15 21.67
C MET B 126 1.74 -6.68 20.73
N THR B 127 1.98 -5.54 20.08
CA THR B 127 1.20 -5.12 18.93
C THR B 127 2.09 -5.13 17.70
N LEU B 128 1.62 -5.80 16.65
CA LEU B 128 2.42 -6.04 15.45
C LEU B 128 2.14 -4.98 14.40
N THR B 129 3.15 -4.65 13.61
CA THR B 129 3.00 -3.92 12.36
C THR B 129 3.49 -4.81 11.22
N CYS B 130 2.58 -5.29 10.40
CA CYS B 130 2.90 -6.16 9.27
C CYS B 130 2.89 -5.34 7.99
N SER B 131 4.01 -5.38 7.27
CA SER B 131 4.18 -4.60 6.04
C SER B 131 4.47 -5.57 4.90
N SER B 132 3.67 -5.50 3.85
CA SER B 132 3.87 -6.30 2.65
C SER B 132 4.32 -5.37 1.52
N LYS B 133 5.47 -5.66 0.94
CA LYS B 133 6.04 -4.87 -0.15
C LYS B 133 6.09 -5.74 -1.39
N VAL B 134 5.08 -5.62 -2.23
CA VAL B 134 5.04 -6.32 -3.51
C VAL B 134 5.90 -5.56 -4.52
N CYS B 135 6.78 -6.27 -5.21
CA CYS B 135 7.77 -5.67 -6.09
C CYS B 135 7.71 -6.31 -7.46
N SER B 136 7.84 -5.48 -8.49
CA SER B 136 7.91 -5.93 -9.88
C SER B 136 9.23 -5.46 -10.47
N PHE B 137 10.04 -6.40 -10.96
CA PHE B 137 11.32 -6.11 -11.58
C PHE B 137 12.21 -5.27 -10.67
N GLY B 138 12.19 -5.59 -9.38
CA GLY B 138 12.98 -4.87 -8.39
C GLY B 138 12.38 -3.58 -7.90
N LYS B 139 11.21 -3.18 -8.40
CA LYS B 139 10.57 -1.93 -8.04
C LYS B 139 9.33 -2.21 -7.24
N GLN B 140 9.23 -1.61 -6.05
CA GLN B 140 8.05 -1.78 -5.21
C GLN B 140 6.83 -1.16 -5.89
N VAL B 141 5.75 -1.92 -5.99
CA VAL B 141 4.53 -1.46 -6.62
C VAL B 141 3.32 -1.50 -5.70
N VAL B 142 3.36 -2.25 -4.60
CA VAL B 142 2.31 -2.24 -3.60
C VAL B 142 2.96 -2.22 -2.22
N GLU B 143 2.43 -1.39 -1.32
CA GLU B 143 2.72 -1.51 0.10
C GLU B 143 1.40 -1.62 0.86
N LYS B 144 1.25 -2.71 1.62
CA LYS B 144 0.14 -2.89 2.54
C LYS B 144 0.69 -2.91 3.97
N VAL B 145 0.15 -2.04 4.82
CA VAL B 145 0.56 -1.96 6.22
C VAL B 145 -0.66 -2.24 7.08
N GLU B 146 -0.53 -3.20 8.00
CA GLU B 146 -1.62 -3.60 8.89
C GLU B 146 -1.10 -3.73 10.31
N THR B 147 -2.00 -3.52 11.27
CA THR B 147 -1.67 -3.61 12.69
C THR B 147 -2.60 -4.59 13.37
N GLU B 148 -2.04 -5.51 14.15
CA GLU B 148 -2.82 -6.49 14.89
C GLU B 148 -2.27 -6.62 16.30
N ARG B 149 -3.15 -6.46 17.29
CA ARG B 149 -2.78 -6.50 18.69
C ARG B 149 -3.01 -7.90 19.26
N ALA B 150 -2.20 -8.26 20.26
CA ALA B 150 -2.24 -9.61 20.80
C ALA B 150 -3.59 -9.90 21.43
N GLN B 151 -4.11 -11.09 21.16
CA GLN B 151 -5.23 -11.66 21.90
C GLN B 151 -4.77 -12.91 22.64
N LEU B 152 -5.17 -13.01 23.91
CA LEU B 152 -4.77 -14.13 24.76
C LEU B 152 -5.64 -15.35 24.44
N GLU B 153 -5.00 -16.48 24.21
CA GLU B 153 -5.71 -17.73 23.93
C GLU B 153 -4.80 -18.89 24.33
N ASP B 154 -5.29 -19.74 25.22
CA ASP B 154 -4.64 -21.01 25.56
C ASP B 154 -3.22 -20.79 26.07
N GLY B 155 -3.02 -19.72 26.85
CA GLY B 155 -1.75 -19.46 27.49
C GLY B 155 -0.69 -18.86 26.59
N ARG B 156 -0.99 -18.65 25.32
CA ARG B 156 -0.12 -17.95 24.37
C ARG B 156 -0.84 -16.71 23.86
N PHE B 157 -0.14 -15.96 23.01
CA PHE B 157 -0.69 -14.75 22.40
C PHE B 157 -0.80 -14.96 20.89
N VAL B 158 -2.03 -14.97 20.39
CA VAL B 158 -2.29 -15.13 18.96
C VAL B 158 -2.35 -13.75 18.31
N TYR B 159 -1.94 -13.69 17.05
CA TYR B 159 -2.14 -12.52 16.21
C TYR B 159 -2.76 -12.97 14.91
N ARG B 160 -3.95 -12.45 14.60
CA ARG B 160 -4.82 -13.02 13.58
C ARG B 160 -5.22 -11.91 12.60
N LEU B 161 -4.48 -11.80 11.50
CA LEU B 161 -4.86 -10.93 10.40
C LEU B 161 -5.58 -11.74 9.32
N LEU B 162 -6.81 -12.11 9.65
CA LEU B 162 -7.55 -13.10 8.88
C LEU B 162 -8.34 -12.42 7.76
N ARG B 163 -8.37 -13.06 6.59
CA ARG B 163 -9.23 -12.66 5.48
C ARG B 163 -8.99 -11.22 5.06
N SER B 164 -7.75 -10.77 5.16
CA SER B 164 -7.39 -9.44 4.68
C SER B 164 -7.58 -9.37 3.16
N PRO B 165 -8.32 -8.40 2.64
CA PRO B 165 -8.59 -8.36 1.20
C PRO B 165 -7.30 -8.28 0.40
N MET B 166 -7.16 -9.18 -0.57
CA MET B 166 -6.00 -9.13 -1.44
C MET B 166 -6.05 -7.89 -2.32
N CYS B 167 -4.99 -7.11 -2.26
CA CYS B 167 -4.93 -5.79 -2.86
C CYS B 167 -4.89 -5.91 -4.39
N GLU B 168 -5.44 -4.88 -5.05
CA GLU B 168 -6.01 -5.05 -6.37
C GLU B 168 -4.96 -5.37 -7.43
N TYR B 169 -3.70 -5.06 -7.15
CA TYR B 169 -2.63 -5.29 -8.13
C TYR B 169 -2.48 -6.78 -8.43
N LEU B 170 -2.42 -7.61 -7.40
CA LEU B 170 -2.28 -9.05 -7.61
C LEU B 170 -3.57 -9.67 -8.16
N VAL B 171 -4.73 -9.11 -7.80
CA VAL B 171 -5.98 -9.61 -8.34
C VAL B 171 -6.00 -9.45 -9.86
N ASN B 172 -5.60 -8.27 -10.34
CA ASN B 172 -5.42 -8.09 -11.78
C ASN B 172 -4.26 -8.94 -12.30
N PHE B 173 -3.16 -9.01 -11.56
CA PHE B 173 -2.02 -9.79 -12.00
C PHE B 173 -2.36 -11.28 -12.08
N LEU B 174 -3.11 -11.78 -11.10
CA LEU B 174 -3.54 -13.18 -11.14
C LEU B 174 -4.46 -13.45 -12.32
N HIS B 175 -5.38 -12.54 -12.61
CA HIS B 175 -6.28 -12.71 -13.74
C HIS B 175 -5.52 -12.68 -15.06
N LYS B 176 -4.54 -11.77 -15.18
CA LYS B 176 -3.66 -11.79 -16.34
C LYS B 176 -2.87 -13.09 -16.41
N LEU B 177 -2.31 -13.52 -15.28
CA LEU B 177 -1.39 -14.65 -15.30
C LEU B 177 -2.12 -15.97 -15.52
N ARG B 178 -3.40 -16.04 -15.14
CA ARG B 178 -4.11 -17.32 -15.18
C ARG B 178 -4.28 -17.82 -16.62
N GLN B 179 -4.44 -16.92 -17.58
CA GLN B 179 -4.77 -17.28 -18.95
C GLN B 179 -3.52 -17.52 -19.80
N LEU B 180 -2.34 -17.48 -19.21
CA LEU B 180 -1.15 -17.92 -19.91
C LEU B 180 -1.27 -19.41 -20.25
N PRO B 181 -0.95 -19.82 -21.48
CA PRO B 181 -1.30 -21.16 -21.93
C PRO B 181 -0.38 -22.26 -21.41
N GLU B 182 0.67 -21.91 -20.66
CA GLU B 182 1.78 -22.83 -20.42
C GLU B 182 2.47 -22.45 -19.12
N ARG B 183 2.81 -23.46 -18.32
CA ARG B 183 3.27 -23.21 -16.96
C ARG B 183 4.64 -22.54 -16.95
N TYR B 184 5.54 -22.95 -17.84
CA TYR B 184 6.88 -22.38 -17.87
C TYR B 184 6.85 -20.92 -18.30
N MET B 185 5.84 -20.52 -19.08
CA MET B 185 5.61 -19.10 -19.34
C MET B 185 5.24 -18.36 -18.06
N MET B 186 4.43 -18.98 -17.21
CA MET B 186 4.08 -18.35 -15.93
C MET B 186 5.31 -18.17 -15.05
N ASN B 187 6.18 -19.19 -14.99
CA ASN B 187 7.39 -19.08 -14.21
C ASN B 187 8.33 -18.02 -14.75
N SER B 188 8.30 -17.78 -16.06
CA SER B 188 9.10 -16.69 -16.64
C SER B 188 8.60 -15.33 -16.18
N VAL B 189 7.28 -15.15 -16.13
CA VAL B 189 6.72 -13.89 -15.64
C VAL B 189 6.98 -13.74 -14.14
N LEU B 190 6.73 -14.81 -13.38
CA LEU B 190 6.90 -14.76 -11.92
C LEU B 190 8.36 -14.71 -11.51
N GLU B 191 9.29 -14.89 -12.45
CA GLU B 191 10.71 -14.76 -12.13
C GLU B 191 11.04 -13.38 -11.58
N ASN B 192 10.29 -12.36 -11.99
CA ASN B 192 10.60 -10.98 -11.65
C ASN B 192 9.72 -10.40 -10.56
N PHE B 193 8.79 -11.19 -10.01
CA PHE B 193 7.83 -10.71 -9.02
C PHE B 193 8.15 -11.31 -7.66
N THR B 194 8.27 -10.45 -6.65
CA THR B 194 8.63 -10.87 -5.30
C THR B 194 7.77 -10.12 -4.30
N ILE B 195 7.61 -10.72 -3.11
CA ILE B 195 6.90 -10.10 -2.00
C ILE B 195 7.79 -10.16 -0.77
N LEU B 196 7.81 -9.07 -0.01
CA LEU B 196 8.61 -8.96 1.21
C LEU B 196 7.68 -8.59 2.37
N GLN B 197 7.53 -9.50 3.32
CA GLN B 197 6.79 -9.25 4.55
C GLN B 197 7.75 -8.85 5.66
N VAL B 198 7.48 -7.71 6.29
CA VAL B 198 8.28 -7.20 7.39
C VAL B 198 7.37 -7.01 8.59
N VAL B 199 7.57 -7.82 9.63
CA VAL B 199 6.76 -7.79 10.85
C VAL B 199 7.61 -7.18 11.96
N THR B 200 7.14 -6.08 12.52
CA THR B 200 7.88 -5.35 13.55
C THR B 200 7.00 -5.18 14.78
N ASN B 201 7.65 -5.05 15.93
CA ASN B 201 6.97 -4.68 17.16
C ASN B 201 6.64 -3.19 17.12
N ARG B 202 5.34 -2.87 17.08
CA ARG B 202 4.93 -1.50 16.77
C ARG B 202 5.40 -0.52 17.85
N ASP B 203 5.28 -0.91 19.12
CA ASP B 203 5.65 -0.02 20.21
C ASP B 203 7.16 0.26 20.20
N THR B 204 7.96 -0.75 19.92
CA THR B 204 9.41 -0.65 20.05
C THR B 204 10.14 -0.42 18.73
N GLN B 205 9.43 -0.56 17.60
CA GLN B 205 9.94 -0.34 16.25
C GLN B 205 10.95 -1.40 15.82
N GLU B 206 11.32 -2.33 16.69
CA GLU B 206 12.37 -3.28 16.38
C GLU B 206 11.83 -4.42 15.52
N LEU B 207 12.69 -4.93 14.65
CA LEU B 207 12.28 -5.95 13.69
C LEU B 207 12.06 -7.28 14.40
N LEU B 208 11.00 -7.98 14.00
CA LEU B 208 10.68 -9.30 14.51
C LEU B 208 10.80 -10.40 13.46
N LEU B 209 10.29 -10.16 12.27
CA LEU B 209 10.17 -11.19 11.25
C LEU B 209 10.21 -10.53 9.89
N CYS B 210 11.13 -10.99 9.03
CA CYS B 210 11.23 -10.51 7.66
C CYS B 210 11.29 -11.71 6.73
N THR B 211 10.17 -12.02 6.10
CA THR B 211 10.08 -13.13 5.16
C THR B 211 10.17 -12.60 3.74
N ALA B 212 11.00 -13.23 2.93
CA ALA B 212 11.11 -12.93 1.50
C ALA B 212 10.44 -14.03 0.70
N TYR B 213 9.65 -13.64 -0.29
CA TYR B 213 8.83 -14.57 -1.06
C TYR B 213 9.30 -14.56 -2.51
N VAL B 214 9.54 -15.75 -3.06
CA VAL B 214 9.71 -15.94 -4.49
C VAL B 214 8.76 -17.03 -4.94
N PHE B 215 8.39 -16.99 -6.22
CA PHE B 215 7.16 -17.62 -6.69
C PHE B 215 7.44 -18.44 -7.95
N GLU B 216 6.85 -19.63 -8.00
CA GLU B 216 6.63 -20.36 -9.25
C GLU B 216 5.19 -20.86 -9.28
N VAL B 217 4.78 -21.37 -10.44
CA VAL B 217 3.51 -22.06 -10.57
C VAL B 217 3.73 -23.56 -10.36
N SER B 218 2.78 -24.20 -9.68
CA SER B 218 2.77 -25.64 -9.52
C SER B 218 1.77 -26.27 -10.49
N THR B 219 1.98 -27.55 -10.78
CA THR B 219 1.00 -28.32 -11.51
C THR B 219 -0.25 -28.55 -10.66
N SER B 220 -1.37 -28.80 -11.34
CA SER B 220 -2.58 -29.22 -10.66
C SER B 220 -2.39 -30.58 -9.99
N GLU B 221 -1.57 -31.45 -10.59
CA GLU B 221 -1.37 -32.78 -10.03
C GLU B 221 -0.62 -32.73 -8.70
N ARG B 222 0.39 -31.85 -8.61
CA ARG B 222 1.20 -31.77 -7.41
C ARG B 222 0.48 -31.02 -6.28
N GLY B 223 -0.27 -29.98 -6.62
CA GLY B 223 -0.85 -29.11 -5.63
C GLY B 223 0.12 -28.04 -5.15
N ALA B 224 -0.42 -27.11 -4.36
CA ALA B 224 0.36 -25.97 -3.89
C ALA B 224 1.42 -26.41 -2.89
N GLN B 225 2.53 -25.67 -2.86
CA GLN B 225 3.71 -26.12 -2.12
C GLN B 225 4.60 -24.92 -1.83
N HIS B 226 5.29 -24.97 -0.69
CA HIS B 226 6.32 -24.02 -0.34
C HIS B 226 7.59 -24.75 0.06
N HIS B 227 8.65 -23.98 0.30
CA HIS B 227 9.87 -24.51 0.90
C HIS B 227 10.59 -23.37 1.60
N ILE B 228 10.78 -23.48 2.91
CA ILE B 228 11.20 -22.37 3.75
C ILE B 228 12.71 -22.49 3.97
N TYR B 229 13.42 -21.39 3.75
CA TYR B 229 14.86 -21.31 3.98
C TYR B 229 15.15 -20.35 5.13
N ARG B 230 16.44 -20.19 5.41
CA ARG B 230 16.94 -19.10 6.24
C ARG B 230 17.93 -18.26 5.44
N LEU B 231 17.96 -16.97 5.74
CA LEU B 231 18.82 -16.03 5.05
C LEU B 231 20.10 -15.81 5.84
N VAL B 232 21.25 -15.96 5.18
CA VAL B 232 22.55 -15.89 5.82
C VAL B 232 23.45 -14.98 5.00
N ARG B 233 24.49 -14.47 5.65
CA ARG B 233 25.55 -13.73 4.97
C ARG B 233 26.85 -13.79 5.75
#